data_6TLH
#
_entry.id   6TLH
#
_cell.length_a   149.437
_cell.length_b   45.778
_cell.length_c   69.596
_cell.angle_alpha   90.000
_cell.angle_beta   95.060
_cell.angle_gamma   90.000
#
_symmetry.space_group_name_H-M   'C 1 2 1'
#
loop_
_entity.id
_entity.type
_entity.pdbx_description
1 polymer 'KN motif and ankyrin repeat domain-containing protein 3'
2 non-polymer GLYCEROL
3 non-polymer 'FORMIC ACID'
4 water water
#
_entity_poly.entity_id   1
_entity_poly.type   'polypeptide(L)'
_entity_poly.pdbx_seq_one_letter_code
;GIDPFTGREGRCELNPRLREACIALNQQLNRPRGVTSRDGNAARLVAQEWFRVSSQKRSQAESVAGVLRGVKSLGPELLA
YVVNLADGNGNTALHYSVSHGNLAISSLLLDTGVCDVNHQNRAGYSALMLAALTSVGQEEEDMAVAQRLFSMGDVNAKAS
QTGQTALMLAISHGHQDMVAALLECGADVNVQDADGATALMCASEYGRLDTVQLLLAQPGCDLTILDNEGTSALAIALEA
EQDEVAALLHAHLTSN
;
_entity_poly.pdbx_strand_id   A,B
#
loop_
_chem_comp.id
_chem_comp.type
_chem_comp.name
_chem_comp.formula
FMT non-polymer 'FORMIC ACID' 'C H2 O2'
GOL non-polymer GLYCEROL 'C3 H8 O3'
#
# COMPACT_ATOMS: atom_id res chain seq x y z
N GLU A 13 -6.63 27.53 -3.05
CA GLU A 13 -6.43 28.73 -2.18
C GLU A 13 -6.14 28.27 -0.74
N LEU A 14 -5.29 29.02 -0.07
CA LEU A 14 -4.85 28.72 1.31
C LEU A 14 -5.95 28.99 2.33
N ASN A 15 -6.09 28.10 3.29
CA ASN A 15 -7.02 28.30 4.41
C ASN A 15 -6.47 29.49 5.20
N PRO A 16 -7.34 30.37 5.68
CA PRO A 16 -7.11 31.62 6.43
C PRO A 16 -5.92 31.66 7.40
N ARG A 17 -5.73 30.65 8.21
CA ARG A 17 -4.63 30.66 9.19
C ARG A 17 -3.29 30.37 8.50
N LEU A 18 -3.29 29.41 7.60
CA LEU A 18 -2.06 29.04 6.86
C LEU A 18 -1.63 30.19 5.94
N ARG A 19 -2.59 30.85 5.33
CA ARG A 19 -2.32 31.94 4.37
C ARG A 19 -1.57 33.04 5.11
N GLU A 20 -1.97 33.31 6.31
CA GLU A 20 -1.36 34.42 7.01
C GLU A 20 0.06 34.04 7.46
N ALA A 21 0.25 32.77 7.83
CA ALA A 21 1.55 32.30 8.28
C ALA A 21 2.51 32.30 7.08
N CYS A 22 2.00 31.90 5.93
CA CYS A 22 2.79 31.88 4.69
C CYS A 22 3.18 33.29 4.26
N ILE A 23 2.26 34.24 4.40
CA ILE A 23 2.55 35.63 4.04
C ILE A 23 3.69 36.13 4.94
N ALA A 24 3.61 35.82 6.23
CA ALA A 24 4.62 36.26 7.20
C ALA A 24 5.99 35.60 6.90
N LEU A 25 5.97 34.30 6.54
CA LEU A 25 7.19 33.58 6.27
C LEU A 25 7.81 34.11 4.96
N ASN A 26 6.97 34.29 3.96
CA ASN A 26 7.38 34.90 2.67
C ASN A 26 8.03 36.26 2.88
N GLN A 27 7.50 37.05 3.84
CA GLN A 27 8.06 38.36 4.15
C GLN A 27 9.48 38.21 4.73
N GLN A 28 9.70 37.24 5.58
CA GLN A 28 11.04 36.98 6.12
C GLN A 28 11.98 36.58 4.97
N LEU A 29 11.56 35.63 4.20
CA LEU A 29 12.39 35.07 3.10
C LEU A 29 12.71 36.14 2.07
N ASN A 30 11.82 37.06 1.83
CA ASN A 30 11.99 38.01 0.71
C ASN A 30 12.65 39.31 1.12
N ARG A 31 13.18 39.39 2.32
CA ARG A 31 13.97 40.59 2.70
C ARG A 31 15.31 40.58 1.93
N PRO A 32 15.95 41.73 1.81
CA PRO A 32 17.18 41.72 1.03
C PRO A 32 18.18 40.65 1.49
N ARG A 33 18.33 40.43 2.80
CA ARG A 33 19.28 39.43 3.30
C ARG A 33 18.62 38.04 3.48
N GLY A 34 17.28 37.98 3.44
CA GLY A 34 16.54 36.72 3.48
C GLY A 34 16.64 36.01 4.84
N VAL A 35 17.00 36.69 5.93
CA VAL A 35 17.34 36.01 7.21
C VAL A 35 16.02 35.47 7.79
N THR A 36 15.95 34.14 7.92
CA THR A 36 14.73 33.44 8.30
C THR A 36 15.04 32.22 9.19
N SER A 37 14.53 32.21 10.41
CA SER A 37 14.74 31.08 11.32
C SER A 37 13.66 30.02 11.09
N ARG A 38 14.14 28.82 10.93
CA ARG A 38 13.29 27.65 10.88
C ARG A 38 12.49 27.55 12.20
N ASP A 39 13.00 28.19 13.25
CA ASP A 39 12.36 28.17 14.58
C ASP A 39 11.57 29.46 14.89
N GLY A 40 11.14 30.23 13.89
CA GLY A 40 10.26 31.38 14.17
C GLY A 40 8.79 30.96 14.25
N ASN A 41 7.97 31.87 14.76
CA ASN A 41 6.54 31.65 14.88
C ASN A 41 5.96 31.29 13.51
N ALA A 42 6.41 31.98 12.46
CA ALA A 42 5.77 31.81 11.14
C ALA A 42 6.12 30.42 10.58
N ALA A 43 7.40 30.12 10.59
CA ALA A 43 7.88 28.84 10.04
C ALA A 43 7.25 27.65 10.78
N ARG A 44 7.14 27.70 12.09
CA ARG A 44 6.57 26.60 12.89
C ARG A 44 5.09 26.43 12.53
N LEU A 45 4.39 27.52 12.39
CA LEU A 45 2.98 27.37 12.01
C LEU A 45 2.88 26.82 10.59
N VAL A 46 3.72 27.27 9.67
CA VAL A 46 3.63 26.72 8.29
C VAL A 46 3.97 25.23 8.32
N ALA A 47 5.01 24.88 9.03
CA ALA A 47 5.43 23.49 9.12
C ALA A 47 4.28 22.63 9.66
N GLN A 48 3.68 23.07 10.73
CA GLN A 48 2.58 22.31 11.37
C GLN A 48 1.46 22.05 10.35
N GLU A 49 1.05 23.04 9.62
CA GLU A 49 -0.03 22.80 8.65
C GLU A 49 0.47 22.04 7.41
N TRP A 50 1.69 22.29 6.99
CA TRP A 50 2.22 21.60 5.81
C TRP A 50 2.33 20.09 6.08
N PHE A 51 2.92 19.70 7.23
CA PHE A 51 3.04 18.26 7.52
C PHE A 51 1.65 17.66 7.77
N ARG A 52 0.75 18.44 8.35
CA ARG A 52 -0.61 17.93 8.57
C ARG A 52 -1.27 17.56 7.24
N VAL A 53 -1.14 18.42 6.24
CA VAL A 53 -1.85 18.22 4.97
C VAL A 53 -1.08 17.25 4.06
N SER A 54 0.26 17.22 4.14
CA SER A 54 1.08 16.60 3.07
C SER A 54 1.58 15.18 3.41
N SER A 55 1.77 14.85 4.69
CA SER A 55 2.70 13.81 5.09
C SER A 55 2.03 12.67 5.87
N GLN A 56 0.72 12.64 5.95
CA GLN A 56 0.00 11.58 6.65
C GLN A 56 -0.21 10.44 5.66
N LYS A 57 -0.43 9.23 6.17
CA LYS A 57 -0.74 8.10 5.27
C LYS A 57 -2.04 8.38 4.46
N ARG A 58 -2.99 9.11 5.01
CA ARG A 58 -4.29 9.38 4.35
C ARG A 58 -4.25 10.71 3.59
N SER A 59 -3.09 11.38 3.50
CA SER A 59 -3.01 12.63 2.78
C SER A 59 -3.42 12.42 1.33
N GLN A 60 -4.02 13.45 0.74
CA GLN A 60 -4.57 13.38 -0.61
C GLN A 60 -3.81 14.38 -1.50
N ALA A 61 -3.41 13.96 -2.67
CA ALA A 61 -2.63 14.79 -3.60
C ALA A 61 -3.43 16.05 -3.97
N GLU A 62 -4.74 15.89 -4.19
CA GLU A 62 -5.64 17.00 -4.50
C GLU A 62 -5.49 18.10 -3.43
N SER A 63 -5.46 17.73 -2.17
CA SER A 63 -5.34 18.74 -1.13
C SER A 63 -3.95 19.39 -1.13
N VAL A 64 -2.93 18.57 -1.33
CA VAL A 64 -1.57 19.07 -1.34
C VAL A 64 -1.41 20.02 -2.53
N ALA A 65 -2.00 19.67 -3.66
CA ALA A 65 -1.87 20.45 -4.92
C ALA A 65 -2.46 21.85 -4.72
N GLY A 66 -3.55 21.92 -3.94
CA GLY A 66 -4.19 23.17 -3.68
C GLY A 66 -3.34 24.00 -2.74
N VAL A 67 -2.68 23.35 -1.80
CA VAL A 67 -1.76 24.13 -0.93
C VAL A 67 -0.58 24.66 -1.74
N LEU A 68 -0.02 23.83 -2.59
CA LEU A 68 1.11 24.27 -3.41
C LEU A 68 0.71 25.42 -4.36
N ARG A 69 -0.50 25.41 -4.92
CA ARG A 69 -0.90 26.50 -5.82
C ARG A 69 -0.90 27.80 -5.00
N GLY A 70 -1.41 27.72 -3.78
CA GLY A 70 -1.41 28.87 -2.90
C GLY A 70 0.01 29.33 -2.56
N VAL A 71 0.88 28.37 -2.22
CA VAL A 71 2.25 28.74 -1.82
C VAL A 71 2.98 29.35 -3.03
N LYS A 72 2.81 28.75 -4.18
CA LYS A 72 3.52 29.20 -5.39
C LYS A 72 3.14 30.63 -5.77
N SER A 73 1.87 30.99 -5.56
CA SER A 73 1.41 32.35 -5.86
C SER A 73 2.18 33.39 -5.02
N LEU A 74 2.76 33.00 -3.91
CA LEU A 74 3.56 33.98 -3.17
C LEU A 74 5.02 33.98 -3.62
N GLY A 75 5.51 32.99 -4.33
CA GLY A 75 6.83 33.17 -4.94
C GLY A 75 7.72 31.96 -4.83
N PRO A 76 8.74 31.90 -5.70
CA PRO A 76 9.61 30.71 -5.80
C PRO A 76 10.38 30.39 -4.50
N GLU A 77 10.83 31.38 -3.76
CA GLU A 77 11.60 31.06 -2.53
C GLU A 77 10.70 30.37 -1.51
N LEU A 78 9.47 30.81 -1.39
CA LEU A 78 8.53 30.19 -0.44
C LEU A 78 8.22 28.76 -0.90
N LEU A 79 8.01 28.58 -2.19
CA LEU A 79 7.68 27.27 -2.71
C LEU A 79 8.81 26.28 -2.37
N ALA A 80 10.06 26.69 -2.59
CA ALA A 80 11.17 25.80 -2.34
C ALA A 80 11.34 25.56 -0.83
N TYR A 81 11.09 26.59 -0.02
CA TYR A 81 11.21 26.49 1.43
C TYR A 81 10.21 25.47 1.98
N VAL A 82 9.00 25.56 1.51
CA VAL A 82 7.92 24.72 1.98
C VAL A 82 8.13 23.26 1.51
N VAL A 83 8.36 23.04 0.23
CA VAL A 83 8.52 21.69 -0.32
C VAL A 83 9.62 20.93 0.42
N ASN A 84 10.66 21.63 0.84
CA ASN A 84 11.84 21.02 1.44
C ASN A 84 11.86 21.15 2.97
N LEU A 85 10.74 21.53 3.55
CA LEU A 85 10.64 21.59 5.03
C LEU A 85 10.92 20.19 5.55
N ALA A 86 11.68 20.12 6.63
CA ALA A 86 11.98 18.89 7.30
C ALA A 86 11.42 18.98 8.72
N ASP A 87 10.78 17.90 9.14
CA ASP A 87 10.24 17.86 10.51
C ASP A 87 11.32 17.49 11.56
N GLY A 88 10.90 17.23 12.79
CA GLY A 88 11.85 16.96 13.86
C GLY A 88 12.56 15.65 13.68
N ASN A 89 12.03 14.76 12.77
CA ASN A 89 12.72 13.54 12.39
C ASN A 89 13.59 13.75 11.12
N GLY A 90 13.70 14.98 10.66
CA GLY A 90 14.51 15.34 9.49
C GLY A 90 13.85 14.89 8.21
N ASN A 91 12.57 14.48 8.28
CA ASN A 91 11.76 14.03 7.13
C ASN A 91 11.06 15.19 6.42
N THR A 92 11.15 15.15 5.09
CA THR A 92 10.35 15.98 4.21
C THR A 92 9.09 15.24 3.78
N ALA A 93 8.18 15.98 3.18
CA ALA A 93 6.94 15.39 2.63
C ALA A 93 7.28 14.28 1.62
N LEU A 94 8.31 14.44 0.82
CA LEU A 94 8.73 13.43 -0.12
C LEU A 94 9.27 12.17 0.58
N HIS A 95 10.04 12.29 1.66
CA HIS A 95 10.35 11.10 2.51
C HIS A 95 9.05 10.35 2.82
N TYR A 96 8.02 11.07 3.29
CA TYR A 96 6.79 10.43 3.75
C TYR A 96 6.04 9.85 2.56
N SER A 97 6.03 10.54 1.45
CA SER A 97 5.20 10.08 0.33
C SER A 97 5.82 8.81 -0.29
N VAL A 98 7.14 8.77 -0.34
CA VAL A 98 7.87 7.61 -0.79
C VAL A 98 7.65 6.46 0.21
N SER A 99 7.91 6.71 1.49
CA SER A 99 7.78 5.71 2.50
C SER A 99 6.36 5.12 2.50
N HIS A 100 5.35 5.97 2.33
CA HIS A 100 3.94 5.57 2.44
C HIS A 100 3.42 4.95 1.16
N GLY A 101 4.18 5.11 0.08
CA GLY A 101 3.76 4.71 -1.26
C GLY A 101 2.62 5.54 -1.79
N ASN A 102 2.58 6.81 -1.42
CA ASN A 102 1.63 7.75 -1.98
C ASN A 102 2.23 8.36 -3.24
N LEU A 103 2.15 7.61 -4.32
CA LEU A 103 2.82 7.95 -5.56
C LEU A 103 2.33 9.31 -6.06
N ALA A 104 1.03 9.56 -5.93
CA ALA A 104 0.46 10.78 -6.47
C ALA A 104 1.11 11.96 -5.78
N ILE A 105 1.23 11.89 -4.48
CA ILE A 105 1.88 12.99 -3.76
C ILE A 105 3.35 13.09 -4.21
N SER A 106 4.06 11.97 -4.32
CA SER A 106 5.46 11.97 -4.78
C SER A 106 5.62 12.70 -6.13
N SER A 107 4.76 12.33 -7.09
CA SER A 107 4.78 12.92 -8.43
C SER A 107 4.51 14.43 -8.35
N LEU A 108 3.54 14.81 -7.51
CA LEU A 108 3.14 16.20 -7.38
C LEU A 108 4.32 17.02 -6.81
N LEU A 109 4.99 16.48 -5.79
CA LEU A 109 6.15 17.20 -5.22
C LEU A 109 7.27 17.29 -6.26
N LEU A 110 7.58 16.18 -6.92
CA LEU A 110 8.69 16.17 -7.87
C LEU A 110 8.42 17.11 -9.05
N ASP A 111 7.15 17.15 -9.50
CA ASP A 111 6.73 18.12 -10.48
C ASP A 111 7.01 19.55 -10.19
N THR A 112 7.18 19.96 -8.92
CA THR A 112 7.51 21.36 -8.61
C THR A 112 8.89 21.72 -9.17
N GLY A 113 9.78 20.76 -9.37
CA GLY A 113 11.13 21.07 -9.81
C GLY A 113 12.02 21.58 -8.70
N VAL A 114 11.57 21.53 -7.44
CA VAL A 114 12.40 22.13 -6.35
C VAL A 114 12.77 21.11 -5.24
N CYS A 115 12.47 19.82 -5.38
CA CYS A 115 12.80 18.85 -4.32
C CYS A 115 14.31 18.65 -4.23
N ASP A 116 14.80 18.60 -2.98
CA ASP A 116 16.19 18.27 -2.67
C ASP A 116 16.17 16.80 -2.24
N VAL A 117 16.27 15.90 -3.22
CA VAL A 117 16.02 14.54 -2.96
C VAL A 117 17.18 13.88 -2.20
N ASN A 118 18.34 14.52 -2.09
CA ASN A 118 19.45 13.92 -1.37
C ASN A 118 19.38 14.25 0.13
N HIS A 119 18.43 15.08 0.55
CA HIS A 119 18.38 15.50 1.95
C HIS A 119 18.17 14.28 2.86
N GLN A 120 19.00 14.15 3.88
CA GLN A 120 18.99 12.97 4.76
C GLN A 120 18.23 13.32 6.03
N ASN A 121 17.32 12.43 6.44
CA ASN A 121 16.62 12.52 7.68
C ASN A 121 17.56 12.18 8.86
N ARG A 122 17.02 12.22 10.06
CA ARG A 122 17.80 12.04 11.26
C ARG A 122 18.39 10.64 11.30
N ALA A 123 17.63 9.67 10.85
CA ALA A 123 18.13 8.32 10.81
C ALA A 123 19.27 8.19 9.78
N GLY A 124 19.33 9.10 8.80
CA GLY A 124 20.45 9.17 7.87
C GLY A 124 20.06 8.93 6.41
N TYR A 125 18.77 8.83 6.11
CA TYR A 125 18.33 8.38 4.77
C TYR A 125 17.67 9.52 3.98
N SER A 126 17.99 9.53 2.69
CA SER A 126 17.35 10.44 1.78
C SER A 126 16.07 9.79 1.23
N ALA A 127 15.24 10.57 0.56
CA ALA A 127 14.09 9.97 -0.16
C ALA A 127 14.52 8.95 -1.19
N LEU A 128 15.64 9.21 -1.85
CA LEU A 128 16.19 8.33 -2.83
C LEU A 128 16.49 6.99 -2.18
N MET A 129 17.15 7.03 -1.02
CA MET A 129 17.45 5.81 -0.29
C MET A 129 16.18 5.08 0.17
N LEU A 130 15.18 5.82 0.68
CA LEU A 130 13.93 5.16 1.11
C LEU A 130 13.20 4.53 -0.08
N ALA A 131 13.35 5.11 -1.26
CA ALA A 131 12.70 4.52 -2.44
C ALA A 131 13.34 3.17 -2.79
N ALA A 132 14.66 3.08 -2.58
CA ALA A 132 15.35 1.85 -2.85
C ALA A 132 14.96 0.82 -1.81
N LEU A 133 14.76 1.29 -0.59
CA LEU A 133 14.48 0.42 0.52
C LEU A 133 13.05 -0.11 0.43
N THR A 134 12.11 0.75 0.06
CA THR A 134 10.71 0.40 0.13
C THR A 134 10.16 0.07 -1.28
N SER A 135 11.01 -0.12 -2.28
CA SER A 135 10.62 -0.51 -3.68
C SER A 135 9.46 -1.53 -3.73
N VAL A 136 8.33 -1.13 -4.33
CA VAL A 136 7.19 -2.05 -4.53
C VAL A 136 7.41 -2.81 -5.85
N GLY A 137 7.80 -4.08 -5.71
CA GLY A 137 8.23 -4.94 -6.82
C GLY A 137 7.26 -4.94 -8.01
N GLN A 138 5.97 -4.75 -7.78
CA GLN A 138 4.98 -4.91 -8.86
C GLN A 138 4.33 -3.58 -9.27
N GLU A 139 4.97 -2.48 -8.95
CA GLU A 139 4.40 -1.19 -9.24
C GLU A 139 5.32 -0.52 -10.25
N GLU A 140 4.85 -0.47 -11.49
CA GLU A 140 5.54 0.22 -12.55
C GLU A 140 5.65 1.70 -12.18
N GLU A 141 4.65 2.26 -11.50
CA GLU A 141 4.68 3.69 -11.19
C GLU A 141 5.65 3.91 -10.04
N ASP A 142 5.88 2.88 -9.20
CA ASP A 142 6.80 3.00 -8.09
C ASP A 142 8.22 3.16 -8.65
N MET A 143 8.50 2.41 -9.69
CA MET A 143 9.80 2.40 -10.31
C MET A 143 9.99 3.73 -11.07
N ALA A 144 8.95 4.23 -11.74
CA ALA A 144 9.02 5.51 -12.43
C ALA A 144 9.38 6.63 -11.44
N VAL A 145 8.75 6.62 -10.26
CA VAL A 145 9.05 7.60 -9.22
C VAL A 145 10.51 7.46 -8.79
N ALA A 146 10.96 6.23 -8.55
CA ALA A 146 12.35 6.01 -8.09
C ALA A 146 13.33 6.55 -9.15
N GLN A 147 13.05 6.25 -10.42
CA GLN A 147 13.92 6.72 -11.52
C GLN A 147 13.97 8.25 -11.54
N ARG A 148 12.85 8.92 -11.28
CA ARG A 148 12.90 10.38 -11.23
C ARG A 148 13.80 10.83 -10.09
N LEU A 149 13.71 10.17 -8.92
CA LEU A 149 14.57 10.52 -7.79
C LEU A 149 16.04 10.36 -8.19
N PHE A 150 16.38 9.24 -8.86
CA PHE A 150 17.79 8.98 -9.23
C PHE A 150 18.32 10.11 -10.13
N SER A 151 17.42 10.61 -11.00
CA SER A 151 17.81 11.59 -12.06
C SER A 151 18.14 12.92 -11.41
N MET A 152 17.73 13.11 -10.16
CA MET A 152 17.96 14.46 -9.56
C MET A 152 18.77 14.33 -8.27
N GLY A 153 19.29 13.13 -8.04
CA GLY A 153 20.08 12.81 -6.82
C GLY A 153 21.39 12.09 -7.10
N ASP A 154 22.03 11.69 -6.01
CA ASP A 154 23.34 11.06 -6.05
C ASP A 154 23.15 9.64 -5.64
N VAL A 155 23.09 8.72 -6.62
CA VAL A 155 22.83 7.34 -6.30
C VAL A 155 23.95 6.73 -5.43
N ASN A 156 25.10 7.39 -5.33
CA ASN A 156 26.22 6.84 -4.53
C ASN A 156 26.36 7.50 -3.15
N ALA A 157 25.40 8.29 -2.73
CA ALA A 157 25.45 8.88 -1.40
C ALA A 157 25.40 7.78 -0.33
N LYS A 158 26.01 8.09 0.79
CA LYS A 158 26.04 7.19 1.90
C LYS A 158 25.20 7.77 3.02
N ALA A 159 24.43 6.93 3.71
CA ALA A 159 23.54 7.33 4.78
C ALA A 159 24.38 7.76 5.99
N SER A 160 23.95 8.80 6.69
CA SER A 160 24.88 9.48 7.59
C SER A 160 25.27 8.61 8.78
N GLN A 161 24.42 7.68 9.26
CA GLN A 161 24.78 6.88 10.41
C GLN A 161 25.48 5.58 9.95
N THR A 162 24.85 4.83 9.05
CA THR A 162 25.33 3.49 8.76
C THR A 162 26.32 3.46 7.59
N GLY A 163 26.35 4.52 6.80
CA GLY A 163 27.17 4.58 5.64
C GLY A 163 26.60 3.76 4.48
N GLN A 164 25.37 3.28 4.56
CA GLN A 164 24.85 2.41 3.50
C GLN A 164 24.35 3.24 2.32
N THR A 165 24.42 2.63 1.16
CA THR A 165 23.94 3.19 -0.10
C THR A 165 22.56 2.62 -0.45
N ALA A 166 21.90 3.30 -1.37
CA ALA A 166 20.65 2.85 -1.93
C ALA A 166 20.82 1.41 -2.45
N LEU A 167 21.96 1.12 -3.05
CA LEU A 167 22.17 -0.21 -3.62
C LEU A 167 22.15 -1.26 -2.50
N MET A 168 22.83 -0.98 -1.42
CA MET A 168 22.86 -1.88 -0.31
C MET A 168 21.47 -2.07 0.29
N LEU A 169 20.72 -0.97 0.42
CA LEU A 169 19.40 -1.05 1.02
C LEU A 169 18.46 -1.87 0.12
N ALA A 170 18.58 -1.71 -1.19
CA ALA A 170 17.72 -2.48 -2.11
C ALA A 170 18.04 -3.97 -2.03
N ILE A 171 19.35 -4.28 -1.97
CA ILE A 171 19.85 -5.65 -1.84
C ILE A 171 19.29 -6.25 -0.54
N SER A 172 19.36 -5.49 0.56
CA SER A 172 18.99 -5.96 1.91
C SER A 172 17.51 -6.36 1.99
N HIS A 173 16.70 -5.87 1.07
CA HIS A 173 15.24 -6.14 1.04
C HIS A 173 14.86 -7.01 -0.17
N GLY A 174 15.86 -7.55 -0.85
CA GLY A 174 15.64 -8.44 -2.03
C GLY A 174 14.96 -7.73 -3.20
N HIS A 175 15.15 -6.41 -3.34
CA HIS A 175 14.49 -5.67 -4.39
C HIS A 175 15.36 -5.69 -5.66
N GLN A 176 15.28 -6.82 -6.36
CA GLN A 176 16.14 -7.08 -7.51
C GLN A 176 15.95 -6.05 -8.63
N ASP A 177 14.70 -5.63 -8.91
CA ASP A 177 14.50 -4.67 -10.01
C ASP A 177 15.12 -3.32 -9.68
N MET A 178 15.10 -2.98 -8.41
CA MET A 178 15.68 -1.73 -7.93
C MET A 178 17.20 -1.79 -8.02
N VAL A 179 17.76 -2.95 -7.68
CA VAL A 179 19.18 -3.20 -7.83
C VAL A 179 19.59 -2.94 -9.29
N ALA A 180 18.82 -3.50 -10.23
CA ALA A 180 19.16 -3.39 -11.64
C ALA A 180 19.08 -1.92 -12.06
N ALA A 181 18.02 -1.25 -11.61
CA ALA A 181 17.79 0.16 -11.94
C ALA A 181 18.93 1.04 -11.41
N LEU A 182 19.34 0.79 -10.19
CA LEU A 182 20.43 1.59 -9.58
C LEU A 182 21.75 1.37 -10.33
N LEU A 183 22.04 0.13 -10.73
CA LEU A 183 23.24 -0.12 -11.54
C LEU A 183 23.16 0.57 -12.92
N GLU A 184 22.00 0.59 -13.52
CA GLU A 184 21.88 1.31 -14.82
C GLU A 184 22.04 2.83 -14.65
N CYS A 185 21.80 3.36 -13.47
CA CYS A 185 21.91 4.78 -13.19
C CYS A 185 23.31 5.15 -12.74
N GLY A 186 24.23 4.20 -12.66
CA GLY A 186 25.61 4.50 -12.27
C GLY A 186 25.95 4.19 -10.82
N ALA A 187 25.15 3.43 -10.08
CA ALA A 187 25.58 3.03 -8.75
C ALA A 187 26.92 2.25 -8.79
N ASP A 188 27.84 2.67 -7.91
CA ASP A 188 29.12 2.01 -7.79
C ASP A 188 28.89 0.77 -6.93
N VAL A 189 29.42 -0.37 -7.37
CA VAL A 189 29.24 -1.62 -6.63
C VAL A 189 30.23 -1.71 -5.48
N ASN A 190 31.32 -0.94 -5.55
CA ASN A 190 32.43 -1.18 -4.60
C ASN A 190 32.42 -0.21 -3.42
N VAL A 191 31.36 0.57 -3.25
CA VAL A 191 31.27 1.46 -2.08
C VAL A 191 31.18 0.61 -0.81
N GLN A 192 31.79 1.12 0.22
CA GLN A 192 31.76 0.43 1.52
C GLN A 192 31.00 1.28 2.54
N ASP A 193 30.25 0.62 3.40
CA ASP A 193 29.53 1.29 4.45
C ASP A 193 30.39 1.56 5.67
N ALA A 194 29.79 2.03 6.73
CA ALA A 194 30.53 2.40 7.95
C ALA A 194 31.30 1.19 8.50
N ASP A 195 30.80 0.00 8.35
CA ASP A 195 31.51 -1.20 8.85
C ASP A 195 32.46 -1.80 7.81
N GLY A 196 32.64 -1.15 6.66
CA GLY A 196 33.44 -1.67 5.55
C GLY A 196 32.68 -2.64 4.63
N ALA A 197 31.37 -2.83 4.81
CA ALA A 197 30.64 -3.81 3.99
C ALA A 197 30.27 -3.26 2.62
N THR A 198 30.20 -4.17 1.65
CA THR A 198 29.87 -3.81 0.28
C THR A 198 28.50 -4.41 -0.10
N ALA A 199 28.04 -3.94 -1.23
CA ALA A 199 26.81 -4.47 -1.85
C ALA A 199 26.93 -5.99 -2.03
N LEU A 200 28.11 -6.45 -2.50
CA LEU A 200 28.28 -7.92 -2.73
C LEU A 200 28.14 -8.66 -1.41
N MET A 201 28.75 -8.12 -0.35
CA MET A 201 28.62 -8.74 0.96
C MET A 201 27.15 -8.79 1.41
N CYS A 202 26.42 -7.67 1.28
CA CYS A 202 24.99 -7.68 1.64
C CYS A 202 24.23 -8.75 0.83
N ALA A 203 24.57 -8.86 -0.44
CA ALA A 203 23.87 -9.82 -1.37
C ALA A 203 24.22 -11.26 -1.01
N SER A 204 25.46 -11.47 -0.60
CA SER A 204 25.92 -12.81 -0.20
C SER A 204 25.23 -13.27 1.07
N GLU A 205 25.01 -12.39 2.03
CA GLU A 205 24.27 -12.73 3.20
C GLU A 205 22.78 -12.95 2.90
N TYR A 206 22.19 -12.14 2.03
CA TYR A 206 20.75 -12.19 1.77
C TYR A 206 20.39 -13.49 1.03
N GLY A 207 21.17 -13.87 0.04
CA GLY A 207 21.12 -15.23 -0.50
C GLY A 207 20.30 -15.34 -1.77
N ARG A 208 19.95 -14.21 -2.36
CA ARG A 208 19.31 -14.24 -3.68
C ARG A 208 20.38 -14.40 -4.76
N LEU A 209 20.36 -15.54 -5.43
CA LEU A 209 21.43 -15.89 -6.34
C LEU A 209 21.50 -14.94 -7.55
N ASP A 210 20.35 -14.60 -8.13
CA ASP A 210 20.34 -13.66 -9.29
C ASP A 210 20.94 -12.28 -8.96
N THR A 211 20.82 -11.85 -7.71
CA THR A 211 21.36 -10.52 -7.33
C THR A 211 22.89 -10.61 -7.23
N VAL A 212 23.37 -11.71 -6.63
CA VAL A 212 24.82 -11.96 -6.58
C VAL A 212 25.39 -12.02 -8.00
N GLN A 213 24.69 -12.72 -8.91
CA GLN A 213 25.13 -12.88 -10.30
C GLN A 213 25.17 -11.52 -11.01
N LEU A 214 24.13 -10.71 -10.80
CA LEU A 214 24.08 -9.42 -11.40
C LEU A 214 25.24 -8.55 -10.91
N LEU A 215 25.53 -8.58 -9.62
CA LEU A 215 26.63 -7.77 -9.13
C LEU A 215 27.93 -8.28 -9.73
N LEU A 216 28.10 -9.59 -9.72
CA LEU A 216 29.38 -10.17 -10.23
C LEU A 216 29.57 -9.85 -11.71
N ALA A 217 28.47 -9.61 -12.43
CA ALA A 217 28.55 -9.30 -13.85
C ALA A 217 28.96 -7.85 -14.08
N GLN A 218 29.02 -6.99 -13.05
CA GLN A 218 29.37 -5.63 -13.30
C GLN A 218 30.88 -5.52 -13.46
N PRO A 219 31.34 -4.81 -14.50
CA PRO A 219 32.78 -4.56 -14.68
C PRO A 219 33.39 -3.84 -13.46
N GLY A 220 34.42 -4.41 -12.86
CA GLY A 220 35.10 -3.79 -11.73
C GLY A 220 34.61 -4.34 -10.39
N CYS A 221 33.59 -5.17 -10.39
CA CYS A 221 33.18 -5.72 -9.12
C CYS A 221 34.38 -6.43 -8.44
N ASP A 222 34.70 -6.04 -7.20
CA ASP A 222 35.86 -6.54 -6.50
C ASP A 222 35.47 -7.50 -5.37
N LEU A 223 35.81 -8.79 -5.58
CA LEU A 223 35.37 -9.86 -4.68
C LEU A 223 36.24 -9.88 -3.42
N THR A 224 37.33 -9.14 -3.42
CA THR A 224 38.29 -9.30 -2.34
C THR A 224 38.29 -8.08 -1.41
N ILE A 225 37.34 -7.16 -1.58
CA ILE A 225 37.16 -6.11 -0.57
C ILE A 225 36.82 -6.78 0.76
N LEU A 226 37.42 -6.25 1.80
CA LEU A 226 37.14 -6.76 3.10
C LEU A 226 36.45 -5.69 3.96
N ASP A 227 35.57 -6.13 4.85
CA ASP A 227 35.04 -5.23 5.87
C ASP A 227 36.02 -5.03 7.04
N ASN A 228 35.61 -4.27 8.05
CA ASN A 228 36.59 -3.78 9.03
C ASN A 228 37.06 -4.91 9.94
N GLU A 229 36.34 -6.04 10.01
CA GLU A 229 36.88 -7.23 10.69
C GLU A 229 37.53 -8.24 9.71
N GLY A 230 37.83 -7.81 8.51
CA GLY A 230 38.54 -8.59 7.50
C GLY A 230 37.66 -9.62 6.79
N THR A 231 36.35 -9.45 6.88
CA THR A 231 35.37 -10.41 6.32
C THR A 231 35.19 -10.17 4.82
N SER A 232 35.18 -11.26 4.05
CA SER A 232 34.94 -11.22 2.64
C SER A 232 33.49 -11.64 2.35
N ALA A 233 33.03 -11.36 1.14
CA ALA A 233 31.72 -11.84 0.69
C ALA A 233 31.64 -13.37 0.84
N LEU A 234 32.74 -14.04 0.48
CA LEU A 234 32.70 -15.51 0.49
C LEU A 234 32.50 -15.99 1.93
N ALA A 235 33.25 -15.38 2.85
CA ALA A 235 33.13 -15.77 4.26
C ALA A 235 31.72 -15.51 4.79
N ILE A 236 31.12 -14.41 4.36
CA ILE A 236 29.75 -14.05 4.81
C ILE A 236 28.78 -15.11 4.28
N ALA A 237 28.93 -15.47 3.04
CA ALA A 237 28.08 -16.50 2.50
C ALA A 237 28.21 -17.81 3.31
N LEU A 238 29.44 -18.28 3.56
CA LEU A 238 29.64 -19.53 4.26
C LEU A 238 29.05 -19.43 5.67
N GLU A 239 29.31 -18.32 6.37
CA GLU A 239 28.73 -18.11 7.68
C GLU A 239 27.19 -18.12 7.60
N ALA A 240 26.60 -17.48 6.59
CA ALA A 240 25.13 -17.47 6.44
C ALA A 240 24.58 -18.83 5.94
N GLU A 241 25.46 -19.80 5.66
CA GLU A 241 25.09 -21.11 5.09
C GLU A 241 24.40 -20.95 3.74
N GLN A 242 24.87 -20.00 2.94
CA GLN A 242 24.39 -19.82 1.58
C GLN A 242 25.37 -20.53 0.65
N ASP A 243 25.24 -21.85 0.55
CA ASP A 243 26.29 -22.65 -0.10
C ASP A 243 26.36 -22.37 -1.57
N GLU A 244 25.21 -22.16 -2.20
CA GLU A 244 25.19 -21.94 -3.62
C GLU A 244 25.81 -20.58 -3.91
N VAL A 245 25.48 -19.57 -3.10
CA VAL A 245 26.20 -18.28 -3.24
C VAL A 245 27.69 -18.52 -3.01
N ALA A 246 28.04 -19.22 -1.94
CA ALA A 246 29.49 -19.42 -1.62
C ALA A 246 30.23 -20.03 -2.80
N ALA A 247 29.60 -21.02 -3.44
CA ALA A 247 30.22 -21.75 -4.52
C ALA A 247 30.45 -20.85 -5.73
N LEU A 248 29.48 -20.02 -5.96
CA LEU A 248 29.52 -19.03 -7.04
C LEU A 248 30.69 -18.08 -6.83
N LEU A 249 30.86 -17.58 -5.61
CA LEU A 249 31.96 -16.64 -5.27
C LEU A 249 33.30 -17.36 -5.41
N HIS A 250 33.40 -18.60 -4.97
CA HIS A 250 34.60 -19.47 -5.14
C HIS A 250 35.02 -19.50 -6.60
N ALA A 251 34.06 -19.72 -7.49
CA ALA A 251 34.24 -19.82 -8.95
C ALA A 251 34.75 -18.51 -9.55
N HIS A 252 34.38 -17.35 -9.03
CA HIS A 252 34.87 -16.09 -9.58
C HIS A 252 36.22 -15.73 -8.97
N LEU A 253 36.56 -16.33 -7.83
CA LEU A 253 37.81 -16.02 -7.12
C LEU A 253 38.97 -16.83 -7.73
N LEU B 14 5.77 -28.56 -0.34
CA LEU B 14 4.40 -29.11 -0.20
C LEU B 14 4.50 -30.43 0.59
N ASN B 15 3.56 -30.69 1.50
CA ASN B 15 3.52 -31.96 2.28
C ASN B 15 3.22 -33.10 1.31
N PRO B 16 3.72 -34.29 1.60
CA PRO B 16 3.52 -35.48 0.80
C PRO B 16 2.09 -35.67 0.24
N ARG B 17 1.06 -35.49 1.02
CA ARG B 17 -0.34 -35.67 0.55
C ARG B 17 -0.74 -34.50 -0.35
N LEU B 18 -0.61 -33.29 0.15
CA LEU B 18 -0.95 -32.06 -0.60
C LEU B 18 -0.24 -32.07 -1.96
N ARG B 19 1.04 -32.39 -1.99
CA ARG B 19 1.83 -32.42 -3.24
C ARG B 19 1.19 -33.36 -4.27
N GLU B 20 0.87 -34.58 -3.88
CA GLU B 20 0.31 -35.57 -4.82
C GLU B 20 -1.07 -35.11 -5.29
N ALA B 21 -1.84 -34.55 -4.42
CA ALA B 21 -3.17 -34.11 -4.79
C ALA B 21 -3.04 -32.95 -5.79
N CYS B 22 -2.06 -32.09 -5.55
CA CYS B 22 -1.81 -30.93 -6.43
C CYS B 22 -1.32 -31.39 -7.81
N ILE B 23 -0.44 -32.40 -7.84
CA ILE B 23 0.07 -32.92 -9.13
C ILE B 23 -1.12 -33.46 -9.93
N ALA B 24 -2.00 -34.17 -9.26
CA ALA B 24 -3.15 -34.80 -9.89
C ALA B 24 -4.15 -33.76 -10.43
N LEU B 25 -4.40 -32.69 -9.65
CA LEU B 25 -5.32 -31.67 -10.07
C LEU B 25 -4.71 -30.93 -11.26
N ASN B 26 -3.43 -30.61 -11.15
CA ASN B 26 -2.68 -29.91 -12.19
C ASN B 26 -2.79 -30.70 -13.50
N GLN B 27 -2.76 -32.02 -13.41
CA GLN B 27 -2.89 -32.87 -14.60
C GLN B 27 -4.26 -32.70 -15.25
N GLN B 28 -5.30 -32.62 -14.44
CA GLN B 28 -6.61 -32.38 -14.97
C GLN B 28 -6.68 -30.98 -15.57
N LEU B 29 -6.12 -29.98 -14.88
CA LEU B 29 -6.29 -28.59 -15.34
C LEU B 29 -5.52 -28.37 -16.66
N ASN B 30 -4.42 -29.09 -16.85
CA ASN B 30 -3.50 -28.81 -17.97
C ASN B 30 -3.77 -29.75 -19.16
N ARG B 31 -4.89 -30.45 -19.18
CA ARG B 31 -5.30 -31.17 -20.42
C ARG B 31 -5.61 -30.13 -21.52
N PRO B 32 -5.54 -30.53 -22.80
CA PRO B 32 -5.85 -29.55 -23.87
C PRO B 32 -7.24 -28.89 -23.76
N ARG B 33 -8.23 -29.60 -23.20
CA ARG B 33 -9.55 -28.97 -22.90
C ARG B 33 -9.63 -28.43 -21.46
N GLY B 34 -8.75 -28.89 -20.57
CA GLY B 34 -8.66 -28.39 -19.20
C GLY B 34 -9.85 -28.76 -18.34
N VAL B 35 -10.62 -29.79 -18.74
CA VAL B 35 -11.90 -30.14 -18.09
C VAL B 35 -11.60 -30.66 -16.68
N THR B 36 -12.22 -30.01 -15.70
CA THR B 36 -11.88 -30.20 -14.29
C THR B 36 -13.11 -29.90 -13.43
N SER B 37 -13.68 -30.93 -12.80
CA SER B 37 -14.78 -30.67 -11.87
C SER B 37 -14.26 -30.33 -10.46
N ARG B 38 -14.89 -29.32 -9.89
CA ARG B 38 -14.70 -28.92 -8.49
C ARG B 38 -15.06 -30.08 -7.55
N ASP B 39 -15.76 -31.13 -8.03
CA ASP B 39 -16.05 -32.35 -7.23
C ASP B 39 -15.24 -33.64 -7.48
N GLY B 40 -13.90 -33.61 -7.55
CA GLY B 40 -13.14 -34.86 -7.82
C GLY B 40 -12.18 -35.27 -6.70
N ASN B 41 -11.71 -36.50 -6.75
CA ASN B 41 -10.85 -36.95 -5.65
C ASN B 41 -9.69 -35.98 -5.38
N ALA B 42 -9.14 -35.32 -6.42
CA ALA B 42 -7.94 -34.46 -6.20
C ALA B 42 -8.40 -33.05 -5.78
N ALA B 43 -9.31 -32.44 -6.54
CA ALA B 43 -9.85 -31.11 -6.20
C ALA B 43 -10.41 -31.05 -4.78
N ARG B 44 -11.11 -32.12 -4.34
CA ARG B 44 -11.61 -32.25 -2.95
C ARG B 44 -10.45 -32.47 -1.99
N LEU B 45 -9.43 -33.27 -2.33
CA LEU B 45 -8.35 -33.40 -1.40
C LEU B 45 -7.58 -32.09 -1.34
N VAL B 46 -7.45 -31.38 -2.48
CA VAL B 46 -6.59 -30.13 -2.45
C VAL B 46 -7.29 -29.12 -1.53
N ALA B 47 -8.58 -28.98 -1.75
CA ALA B 47 -9.46 -28.06 -0.99
C ALA B 47 -9.35 -28.34 0.52
N GLN B 48 -9.49 -29.63 0.89
CA GLN B 48 -9.40 -30.01 2.33
C GLN B 48 -8.08 -29.50 2.94
N GLU B 49 -6.94 -29.73 2.25
CA GLU B 49 -5.68 -29.33 2.83
C GLU B 49 -5.48 -27.82 2.70
N TRP B 50 -5.95 -27.24 1.59
CA TRP B 50 -5.81 -25.79 1.43
C TRP B 50 -6.53 -25.04 2.55
N PHE B 51 -7.80 -25.41 2.81
CA PHE B 51 -8.59 -24.65 3.79
C PHE B 51 -8.01 -24.91 5.18
N ARG B 52 -7.56 -26.15 5.41
CA ARG B 52 -6.92 -26.48 6.71
C ARG B 52 -5.70 -25.59 6.98
N VAL B 53 -4.87 -25.32 5.97
CA VAL B 53 -3.63 -24.52 6.19
C VAL B 53 -3.90 -23.02 6.10
N SER B 54 -4.86 -22.58 5.27
CA SER B 54 -4.95 -21.14 4.90
C SER B 54 -5.99 -20.33 5.71
N SER B 55 -7.07 -20.98 6.15
CA SER B 55 -8.32 -20.32 6.45
C SER B 55 -8.77 -20.48 7.90
N GLN B 56 -7.91 -20.95 8.79
CA GLN B 56 -8.27 -21.07 10.20
C GLN B 56 -7.86 -19.78 10.92
N LYS B 57 -8.51 -19.47 12.04
CA LYS B 57 -8.13 -18.27 12.81
C LYS B 57 -6.64 -18.31 13.21
N ARG B 58 -6.09 -19.50 13.42
CA ARG B 58 -4.68 -19.69 13.86
C ARG B 58 -3.74 -19.87 12.66
N SER B 59 -4.25 -19.78 11.43
CA SER B 59 -3.38 -19.96 10.30
C SER B 59 -2.29 -18.88 10.30
N GLN B 60 -1.11 -19.24 9.80
CA GLN B 60 0.05 -18.35 9.80
C GLN B 60 0.49 -18.03 8.35
N ALA B 61 0.76 -16.77 8.04
CA ALA B 61 1.25 -16.37 6.70
C ALA B 61 2.52 -17.13 6.30
N GLU B 62 3.44 -17.37 7.23
CA GLU B 62 4.64 -18.16 6.90
C GLU B 62 4.25 -19.53 6.34
N SER B 63 3.31 -20.24 6.99
CA SER B 63 2.94 -21.53 6.45
C SER B 63 2.29 -21.38 5.08
N VAL B 64 1.43 -20.38 4.95
CA VAL B 64 0.67 -20.29 3.72
C VAL B 64 1.62 -19.93 2.57
N ALA B 65 2.61 -19.08 2.85
CA ALA B 65 3.60 -18.69 1.84
C ALA B 65 4.30 -19.93 1.27
N GLY B 66 4.58 -20.88 2.16
CA GLY B 66 5.26 -22.07 1.78
C GLY B 66 4.38 -22.90 0.90
N VAL B 67 3.06 -22.99 1.18
CA VAL B 67 2.16 -23.78 0.29
C VAL B 67 2.11 -23.11 -1.09
N LEU B 68 2.01 -21.80 -1.08
CA LEU B 68 1.86 -21.07 -2.35
C LEU B 68 3.12 -21.20 -3.22
N ARG B 69 4.31 -21.20 -2.60
CA ARG B 69 5.54 -21.39 -3.35
C ARG B 69 5.49 -22.76 -4.04
N GLY B 70 5.03 -23.79 -3.32
CA GLY B 70 4.92 -25.10 -3.89
C GLY B 70 3.86 -25.18 -4.97
N VAL B 71 2.72 -24.55 -4.76
CA VAL B 71 1.66 -24.58 -5.78
C VAL B 71 2.12 -23.87 -7.04
N LYS B 72 2.76 -22.72 -6.84
CA LYS B 72 3.20 -21.91 -7.97
C LYS B 72 4.22 -22.66 -8.86
N SER B 73 5.07 -23.48 -8.25
CA SER B 73 6.06 -24.23 -9.01
C SER B 73 5.36 -25.19 -9.98
N LEU B 74 4.11 -25.56 -9.74
CA LEU B 74 3.41 -26.41 -10.70
C LEU B 74 2.69 -25.60 -11.80
N GLY B 75 2.53 -24.29 -11.68
CA GLY B 75 2.07 -23.52 -12.84
C GLY B 75 0.94 -22.57 -12.53
N PRO B 76 0.75 -21.57 -13.41
CA PRO B 76 -0.16 -20.47 -13.15
C PRO B 76 -1.63 -20.90 -13.05
N GLU B 77 -2.03 -21.92 -13.78
CA GLU B 77 -3.45 -22.30 -13.75
C GLU B 77 -3.77 -22.90 -12.37
N LEU B 78 -2.86 -23.72 -11.85
CA LEU B 78 -3.06 -24.32 -10.53
C LEU B 78 -3.05 -23.20 -9.48
N LEU B 79 -2.10 -22.25 -9.61
CA LEU B 79 -2.03 -21.19 -8.61
C LEU B 79 -3.36 -20.44 -8.52
N ALA B 80 -3.92 -20.06 -9.66
CA ALA B 80 -5.19 -19.33 -9.66
C ALA B 80 -6.32 -20.22 -9.15
N TYR B 81 -6.34 -21.48 -9.54
CA TYR B 81 -7.39 -22.43 -9.09
C TYR B 81 -7.40 -22.53 -7.56
N VAL B 82 -6.22 -22.64 -6.97
CA VAL B 82 -6.09 -22.88 -5.53
C VAL B 82 -6.43 -21.60 -4.76
N VAL B 83 -5.87 -20.45 -5.17
CA VAL B 83 -6.09 -19.18 -4.45
C VAL B 83 -7.58 -18.89 -4.39
N ASN B 84 -8.32 -19.24 -5.46
CA ASN B 84 -9.72 -18.88 -5.61
C ASN B 84 -10.67 -20.01 -5.22
N LEU B 85 -10.15 -21.12 -4.69
CA LEU B 85 -11.03 -22.20 -4.20
C LEU B 85 -12.02 -21.60 -3.19
N ALA B 86 -13.25 -22.05 -3.30
CA ALA B 86 -14.27 -21.71 -2.37
C ALA B 86 -14.79 -22.99 -1.72
N ASP B 87 -15.06 -22.89 -0.43
CA ASP B 87 -15.50 -24.03 0.32
C ASP B 87 -17.01 -24.14 0.24
N GLY B 88 -17.63 -25.02 1.03
CA GLY B 88 -19.08 -25.25 0.86
C GLY B 88 -19.95 -24.06 1.31
N ASN B 89 -19.34 -23.07 2.00
CA ASN B 89 -19.99 -21.81 2.31
C ASN B 89 -19.69 -20.75 1.27
N GLY B 90 -18.97 -21.11 0.20
CA GLY B 90 -18.66 -20.17 -0.89
C GLY B 90 -17.54 -19.20 -0.50
N ASN B 91 -16.85 -19.49 0.59
CA ASN B 91 -15.74 -18.69 1.10
C ASN B 91 -14.41 -19.17 0.54
N THR B 92 -13.61 -18.16 0.12
CA THR B 92 -12.21 -18.30 -0.22
C THR B 92 -11.34 -17.99 1.00
N ALA B 93 -10.09 -18.33 0.85
CA ALA B 93 -9.14 -18.05 1.89
C ALA B 93 -9.12 -16.55 2.16
N LEU B 94 -9.31 -15.71 1.12
CA LEU B 94 -9.31 -14.25 1.30
C LEU B 94 -10.54 -13.80 2.09
N HIS B 95 -11.71 -14.36 1.83
CA HIS B 95 -12.87 -14.09 2.71
C HIS B 95 -12.46 -14.36 4.16
N TYR B 96 -11.82 -15.50 4.42
CA TYR B 96 -11.49 -15.85 5.81
C TYR B 96 -10.45 -14.89 6.37
N SER B 97 -9.46 -14.52 5.57
CA SER B 97 -8.36 -13.72 6.12
C SER B 97 -8.85 -12.30 6.47
N VAL B 98 -9.77 -11.80 5.63
CA VAL B 98 -10.43 -10.52 5.83
C VAL B 98 -11.33 -10.61 7.06
N SER B 99 -12.16 -11.63 7.14
CA SER B 99 -13.07 -11.83 8.23
C SER B 99 -12.30 -11.97 9.56
N HIS B 100 -11.19 -12.69 9.52
CA HIS B 100 -10.44 -13.00 10.72
C HIS B 100 -9.51 -11.87 11.13
N GLY B 101 -9.28 -10.89 10.24
CA GLY B 101 -8.30 -9.81 10.48
C GLY B 101 -6.86 -10.26 10.35
N ASN B 102 -6.63 -11.30 9.57
CA ASN B 102 -5.30 -11.82 9.36
C ASN B 102 -4.70 -11.10 8.16
N LEU B 103 -4.17 -9.91 8.44
CA LEU B 103 -3.69 -8.99 7.44
C LEU B 103 -2.56 -9.61 6.62
N ALA B 104 -1.69 -10.40 7.27
CA ALA B 104 -0.54 -10.96 6.55
C ALA B 104 -1.01 -11.98 5.52
N ILE B 105 -2.01 -12.77 5.87
CA ILE B 105 -2.46 -13.74 4.91
C ILE B 105 -3.17 -12.98 3.78
N SER B 106 -3.99 -11.97 4.11
CA SER B 106 -4.64 -11.13 3.07
C SER B 106 -3.62 -10.57 2.10
N SER B 107 -2.55 -9.96 2.63
CA SER B 107 -1.49 -9.39 1.78
C SER B 107 -0.84 -10.47 0.90
N LEU B 108 -0.59 -11.66 1.47
CA LEU B 108 0.08 -12.72 0.78
C LEU B 108 -0.77 -13.17 -0.40
N LEU B 109 -2.07 -13.31 -0.18
CA LEU B 109 -2.98 -13.79 -1.22
C LEU B 109 -3.06 -12.71 -2.33
N LEU B 110 -3.26 -11.46 -1.92
CA LEU B 110 -3.39 -10.40 -2.89
C LEU B 110 -2.11 -10.23 -3.70
N ASP B 111 -0.95 -10.41 -3.07
CA ASP B 111 0.31 -10.40 -3.80
C ASP B 111 0.40 -11.42 -4.94
N THR B 112 -0.35 -12.52 -4.90
CA THR B 112 -0.24 -13.48 -6.00
C THR B 112 -0.68 -12.86 -7.33
N GLY B 113 -1.57 -11.88 -7.29
CA GLY B 113 -2.03 -11.26 -8.52
C GLY B 113 -3.19 -12.03 -9.14
N VAL B 114 -3.75 -13.02 -8.44
CA VAL B 114 -4.80 -13.87 -9.08
C VAL B 114 -6.11 -13.92 -8.27
N CYS B 115 -6.23 -13.18 -7.16
CA CYS B 115 -7.50 -13.14 -6.38
C CYS B 115 -8.64 -12.52 -7.16
N ASP B 116 -9.74 -13.25 -7.19
CA ASP B 116 -11.05 -12.73 -7.68
C ASP B 116 -11.84 -12.15 -6.48
N VAL B 117 -11.58 -10.87 -6.16
CA VAL B 117 -12.04 -10.33 -4.95
C VAL B 117 -13.54 -10.04 -4.99
N ASN B 118 -14.16 -10.07 -6.16
CA ASN B 118 -15.60 -9.84 -6.24
C ASN B 118 -16.39 -11.12 -5.94
N HIS B 119 -15.71 -12.28 -5.82
CA HIS B 119 -16.40 -13.57 -5.66
C HIS B 119 -17.27 -13.55 -4.39
N GLN B 120 -18.55 -13.85 -4.55
CA GLN B 120 -19.51 -13.78 -3.43
C GLN B 120 -19.68 -15.17 -2.83
N ASN B 121 -19.73 -15.22 -1.50
CA ASN B 121 -19.94 -16.44 -0.81
C ASN B 121 -21.44 -16.74 -0.80
N ARG B 122 -21.80 -17.85 -0.15
CA ARG B 122 -23.20 -18.32 -0.18
C ARG B 122 -24.13 -17.30 0.48
N ALA B 123 -23.68 -16.62 1.52
CA ALA B 123 -24.46 -15.58 2.15
C ALA B 123 -24.59 -14.32 1.24
N GLY B 124 -23.75 -14.18 0.21
CA GLY B 124 -23.87 -13.15 -0.82
C GLY B 124 -22.76 -12.12 -0.79
N TYR B 125 -21.72 -12.31 0.03
CA TYR B 125 -20.72 -11.26 0.25
C TYR B 125 -19.39 -11.61 -0.41
N SER B 126 -18.78 -10.57 -0.97
CA SER B 126 -17.44 -10.68 -1.47
C SER B 126 -16.43 -10.31 -0.37
N ALA B 127 -15.17 -10.61 -0.62
CA ALA B 127 -14.10 -10.20 0.31
C ALA B 127 -14.11 -8.68 0.52
N LEU B 128 -14.38 -7.94 -0.56
CA LEU B 128 -14.46 -6.50 -0.50
C LEU B 128 -15.57 -6.11 0.46
N MET B 129 -16.73 -6.71 0.26
CA MET B 129 -17.81 -6.39 1.15
C MET B 129 -17.50 -6.73 2.60
N LEU B 130 -16.82 -7.86 2.91
CA LEU B 130 -16.55 -8.23 4.28
C LEU B 130 -15.52 -7.27 4.87
N ALA B 131 -14.64 -6.73 4.07
CA ALA B 131 -13.67 -5.73 4.57
C ALA B 131 -14.39 -4.47 5.01
N ALA B 132 -15.42 -4.05 4.27
CA ALA B 132 -16.18 -2.88 4.62
C ALA B 132 -16.93 -3.13 5.92
N LEU B 133 -17.40 -4.35 6.05
CA LEU B 133 -18.24 -4.75 7.15
C LEU B 133 -17.42 -4.89 8.42
N THR B 134 -16.22 -5.42 8.32
CA THR B 134 -15.42 -5.73 9.51
C THR B 134 -14.31 -4.68 9.71
N SER B 135 -14.35 -3.54 9.00
CA SER B 135 -13.30 -2.45 9.06
C SER B 135 -12.79 -2.20 10.49
N VAL B 136 -11.51 -2.52 10.74
CA VAL B 136 -10.89 -2.19 12.03
C VAL B 136 -10.51 -0.70 11.98
N GLY B 137 -11.28 0.11 12.70
CA GLY B 137 -11.15 1.57 12.67
C GLY B 137 -9.73 2.05 12.96
N GLN B 138 -8.95 1.27 13.72
CA GLN B 138 -7.72 1.73 14.34
C GLN B 138 -6.49 1.08 13.68
N GLU B 139 -6.71 0.47 12.52
CA GLU B 139 -5.68 -0.31 11.87
C GLU B 139 -5.40 0.34 10.51
N GLU B 140 -4.28 1.04 10.42
CA GLU B 140 -3.84 1.60 9.15
C GLU B 140 -3.66 0.45 8.15
N GLU B 141 -3.17 -0.70 8.61
CA GLU B 141 -2.90 -1.79 7.67
C GLU B 141 -4.22 -2.44 7.24
N ASP B 142 -5.27 -2.35 8.06
CA ASP B 142 -6.58 -2.86 7.67
C ASP B 142 -7.16 -2.05 6.49
N MET B 143 -7.03 -0.71 6.61
CA MET B 143 -7.45 0.21 5.57
C MET B 143 -6.65 -0.04 4.28
N ALA B 144 -5.32 -0.19 4.38
CA ALA B 144 -4.46 -0.49 3.23
C ALA B 144 -4.97 -1.75 2.52
N VAL B 145 -5.28 -2.80 3.29
CA VAL B 145 -5.79 -4.02 2.68
C VAL B 145 -7.12 -3.77 1.94
N ALA B 146 -8.03 -3.07 2.56
CA ALA B 146 -9.36 -2.76 1.92
C ALA B 146 -9.16 -1.97 0.62
N GLN B 147 -8.19 -1.05 0.64
CA GLN B 147 -7.91 -0.23 -0.56
C GLN B 147 -7.39 -1.11 -1.70
N ARG B 148 -6.61 -2.14 -1.38
CA ARG B 148 -6.16 -3.00 -2.43
C ARG B 148 -7.38 -3.71 -2.99
N LEU B 149 -8.25 -4.14 -2.09
CA LEU B 149 -9.45 -4.87 -2.51
C LEU B 149 -10.26 -4.02 -3.50
N PHE B 150 -10.43 -2.77 -3.17
CA PHE B 150 -11.21 -1.82 -4.04
C PHE B 150 -10.56 -1.69 -5.44
N SER B 151 -9.23 -1.68 -5.48
CA SER B 151 -8.51 -1.43 -6.72
C SER B 151 -8.67 -2.62 -7.66
N MET B 152 -9.12 -3.77 -7.15
CA MET B 152 -9.19 -4.92 -8.07
C MET B 152 -10.61 -5.45 -8.15
N GLY B 153 -11.53 -4.68 -7.57
CA GLY B 153 -12.94 -5.11 -7.42
C GLY B 153 -13.91 -4.01 -7.81
N ASP B 154 -15.19 -4.32 -7.64
CA ASP B 154 -16.30 -3.48 -8.02
C ASP B 154 -16.89 -2.95 -6.74
N VAL B 155 -16.57 -1.71 -6.36
CA VAL B 155 -17.13 -1.15 -5.11
C VAL B 155 -18.65 -1.03 -5.16
N ASN B 156 -19.26 -1.11 -6.31
CA ASN B 156 -20.71 -0.91 -6.43
C ASN B 156 -21.43 -2.24 -6.57
N ALA B 157 -20.75 -3.36 -6.39
CA ALA B 157 -21.43 -4.65 -6.44
C ALA B 157 -22.46 -4.73 -5.31
N LYS B 158 -23.50 -5.50 -5.62
CA LYS B 158 -24.59 -5.75 -4.68
C LYS B 158 -24.56 -7.20 -4.21
N ALA B 159 -24.79 -7.41 -2.91
CA ALA B 159 -24.71 -8.76 -2.35
C ALA B 159 -25.87 -9.60 -2.87
N SER B 160 -25.62 -10.88 -3.10
CA SER B 160 -26.58 -11.64 -3.93
C SER B 160 -27.91 -11.81 -3.21
N GLN B 161 -27.96 -11.86 -1.89
CA GLN B 161 -29.20 -12.10 -1.21
C GLN B 161 -29.91 -10.78 -0.87
N THR B 162 -29.20 -9.85 -0.26
CA THR B 162 -29.80 -8.66 0.30
C THR B 162 -29.71 -7.47 -0.65
N GLY B 163 -28.83 -7.54 -1.63
CA GLY B 163 -28.63 -6.45 -2.53
C GLY B 163 -27.80 -5.33 -1.92
N GLN B 164 -27.24 -5.52 -0.74
CA GLN B 164 -26.47 -4.44 -0.10
C GLN B 164 -25.07 -4.31 -0.71
N THR B 165 -24.59 -3.08 -0.62
CA THR B 165 -23.29 -2.66 -1.07
C THR B 165 -22.33 -2.58 0.11
N ALA B 166 -21.06 -2.61 -0.22
CA ALA B 166 -19.99 -2.36 0.77
C ALA B 166 -20.25 -1.05 1.56
N LEU B 167 -20.69 -0.03 0.86
CA LEU B 167 -20.98 1.27 1.50
C LEU B 167 -22.09 1.08 2.58
N MET B 168 -23.18 0.42 2.22
CA MET B 168 -24.24 0.17 3.16
C MET B 168 -23.75 -0.65 4.35
N LEU B 169 -22.88 -1.66 4.10
CA LEU B 169 -22.41 -2.52 5.16
C LEU B 169 -21.51 -1.70 6.09
N ALA B 170 -20.69 -0.81 5.52
CA ALA B 170 -19.80 0.03 6.36
C ALA B 170 -20.64 0.96 7.26
N ILE B 171 -21.65 1.56 6.65
CA ILE B 171 -22.57 2.48 7.34
C ILE B 171 -23.29 1.77 8.50
N SER B 172 -23.72 0.53 8.26
CA SER B 172 -24.50 -0.28 9.22
C SER B 172 -23.71 -0.56 10.48
N HIS B 173 -22.37 -0.48 10.40
CA HIS B 173 -21.47 -0.82 11.50
C HIS B 173 -20.75 0.44 12.02
N GLY B 174 -21.18 1.62 11.56
CA GLY B 174 -20.55 2.88 11.90
C GLY B 174 -19.08 3.02 11.49
N HIS B 175 -18.63 2.35 10.42
CA HIS B 175 -17.24 2.45 10.00
C HIS B 175 -17.05 3.66 9.08
N GLN B 176 -16.99 4.85 9.66
CA GLN B 176 -16.89 6.14 8.96
C GLN B 176 -15.65 6.25 8.06
N ASP B 177 -14.47 5.81 8.49
CA ASP B 177 -13.29 5.88 7.61
C ASP B 177 -13.46 5.01 6.37
N MET B 178 -14.15 3.91 6.53
CA MET B 178 -14.40 3.01 5.41
C MET B 178 -15.39 3.63 4.42
N VAL B 179 -16.38 4.36 4.99
CA VAL B 179 -17.35 5.08 4.19
C VAL B 179 -16.60 6.11 3.31
N ALA B 180 -15.69 6.85 3.94
CA ALA B 180 -14.93 7.89 3.25
C ALA B 180 -14.08 7.26 2.16
N ALA B 181 -13.45 6.13 2.48
CA ALA B 181 -12.56 5.44 1.51
C ALA B 181 -13.37 4.90 0.32
N LEU B 182 -14.52 4.33 0.61
CA LEU B 182 -15.40 3.81 -0.46
C LEU B 182 -15.89 4.94 -1.37
N LEU B 183 -16.24 6.09 -0.77
CA LEU B 183 -16.67 7.23 -1.60
C LEU B 183 -15.51 7.72 -2.48
N GLU B 184 -14.30 7.73 -1.96
CA GLU B 184 -13.12 8.20 -2.76
C GLU B 184 -12.83 7.24 -3.92
N CYS B 185 -13.18 5.97 -3.76
CA CYS B 185 -12.94 4.94 -4.75
C CYS B 185 -14.10 4.79 -5.73
N GLY B 186 -15.14 5.64 -5.67
CA GLY B 186 -16.19 5.67 -6.70
C GLY B 186 -17.51 5.02 -6.29
N ALA B 187 -17.67 4.73 -5.01
CA ALA B 187 -18.95 4.15 -4.57
C ALA B 187 -20.13 5.12 -4.85
N ASP B 188 -21.13 4.59 -5.54
CA ASP B 188 -22.35 5.34 -5.89
C ASP B 188 -23.31 5.39 -4.67
N VAL B 189 -23.61 6.60 -4.18
CA VAL B 189 -24.42 6.76 -2.99
C VAL B 189 -25.88 6.40 -3.24
N ASN B 190 -26.31 6.33 -4.50
CA ASN B 190 -27.71 6.17 -4.79
C ASN B 190 -28.10 4.73 -5.10
N VAL B 191 -27.18 3.77 -4.96
CA VAL B 191 -27.58 2.35 -5.19
C VAL B 191 -28.64 1.94 -4.16
N GLN B 192 -29.57 1.13 -4.60
CA GLN B 192 -30.64 0.61 -3.72
C GLN B 192 -30.48 -0.89 -3.54
N ASP B 193 -30.72 -1.40 -2.33
CA ASP B 193 -30.60 -2.84 -2.08
C ASP B 193 -31.80 -3.59 -2.67
N ALA B 194 -32.10 -4.77 -2.12
CA ALA B 194 -33.24 -5.58 -2.61
C ALA B 194 -34.57 -5.02 -2.07
N ASP B 195 -34.53 -4.34 -0.92
CA ASP B 195 -35.74 -3.68 -0.35
C ASP B 195 -35.93 -2.24 -0.85
N GLY B 196 -35.06 -1.74 -1.73
CA GLY B 196 -35.10 -0.36 -2.22
C GLY B 196 -34.36 0.61 -1.31
N ALA B 197 -33.66 0.13 -0.27
CA ALA B 197 -32.97 1.06 0.68
C ALA B 197 -31.60 1.48 0.15
N THR B 198 -31.24 2.72 0.55
CA THR B 198 -30.02 3.39 0.14
C THR B 198 -29.10 3.58 1.35
N ALA B 199 -27.91 3.97 1.04
CA ALA B 199 -26.87 4.23 2.04
C ALA B 199 -27.39 5.33 2.99
N LEU B 200 -28.04 6.34 2.40
CA LEU B 200 -28.52 7.48 3.21
C LEU B 200 -29.58 6.98 4.19
N MET B 201 -30.43 6.06 3.75
CA MET B 201 -31.40 5.50 4.67
C MET B 201 -30.70 4.75 5.80
N CYS B 202 -29.65 3.97 5.46
CA CYS B 202 -28.93 3.18 6.45
C CYS B 202 -28.28 4.12 7.46
N ALA B 203 -27.73 5.21 6.94
CA ALA B 203 -27.01 6.17 7.76
C ALA B 203 -27.99 6.92 8.68
N SER B 204 -29.20 7.18 8.18
CA SER B 204 -30.23 7.89 8.92
C SER B 204 -30.75 7.07 10.11
N GLU B 205 -30.91 5.77 9.90
CA GLU B 205 -31.28 4.90 10.99
C GLU B 205 -30.12 4.73 11.98
N TYR B 206 -28.89 4.61 11.51
CA TYR B 206 -27.77 4.32 12.38
C TYR B 206 -27.54 5.52 13.32
N GLY B 207 -27.61 6.74 12.78
CA GLY B 207 -27.65 7.98 13.59
C GLY B 207 -26.29 8.61 13.84
N ARG B 208 -25.26 8.22 13.11
CA ARG B 208 -24.00 8.90 13.13
C ARG B 208 -24.06 10.13 12.22
N LEU B 209 -24.01 11.32 12.83
CA LEU B 209 -24.27 12.57 12.12
C LEU B 209 -23.18 12.82 11.08
N ASP B 210 -21.90 12.58 11.43
CA ASP B 210 -20.82 12.83 10.45
C ASP B 210 -20.97 11.97 9.16
N THR B 211 -21.54 10.79 9.29
CA THR B 211 -21.74 9.92 8.14
C THR B 211 -22.84 10.48 7.25
N VAL B 212 -23.95 10.87 7.87
CA VAL B 212 -25.06 11.54 7.13
C VAL B 212 -24.51 12.77 6.40
N GLN B 213 -23.72 13.61 7.09
CA GLN B 213 -23.20 14.84 6.49
C GLN B 213 -22.31 14.52 5.29
N LEU B 214 -21.45 13.51 5.45
CA LEU B 214 -20.55 13.13 4.37
C LEU B 214 -21.36 12.63 3.17
N LEU B 215 -22.40 11.83 3.38
CA LEU B 215 -23.19 11.36 2.25
C LEU B 215 -23.92 12.53 1.59
N LEU B 216 -24.44 13.40 2.42
CA LEU B 216 -25.19 14.58 1.86
C LEU B 216 -24.26 15.51 1.08
N ALA B 217 -22.99 15.50 1.40
CA ALA B 217 -22.04 16.34 0.70
C ALA B 217 -21.65 15.74 -0.66
N GLN B 218 -22.10 14.53 -1.01
CA GLN B 218 -21.67 13.97 -2.26
C GLN B 218 -22.57 14.53 -3.36
N PRO B 219 -21.97 14.99 -4.46
CA PRO B 219 -22.74 15.45 -5.61
C PRO B 219 -23.67 14.38 -6.16
N GLY B 220 -24.95 14.69 -6.29
CA GLY B 220 -25.93 13.77 -6.84
C GLY B 220 -26.62 12.96 -5.75
N CYS B 221 -26.23 13.11 -4.49
CA CYS B 221 -26.97 12.41 -3.44
C CYS B 221 -28.45 12.80 -3.47
N ASP B 222 -29.30 11.81 -3.73
CA ASP B 222 -30.73 12.04 -3.81
C ASP B 222 -31.34 11.74 -2.46
N LEU B 223 -32.07 12.71 -1.93
CA LEU B 223 -32.69 12.54 -0.64
C LEU B 223 -34.09 11.97 -0.81
N THR B 224 -34.58 11.95 -2.04
CA THR B 224 -35.98 11.63 -2.24
C THR B 224 -36.16 10.23 -2.78
N ILE B 225 -35.09 9.44 -2.89
CA ILE B 225 -35.27 8.01 -3.23
C ILE B 225 -36.09 7.33 -2.14
N LEU B 226 -36.97 6.46 -2.60
CA LEU B 226 -37.84 5.76 -1.71
C LEU B 226 -37.56 4.26 -1.79
N ASP B 227 -37.75 3.59 -0.68
CA ASP B 227 -37.66 2.14 -0.69
C ASP B 227 -38.98 1.55 -1.14
N ASN B 228 -39.07 0.23 -1.14
CA ASN B 228 -40.17 -0.45 -1.79
C ASN B 228 -41.48 -0.20 -1.04
N GLU B 229 -41.45 0.19 0.24
CA GLU B 229 -42.67 0.56 0.95
C GLU B 229 -42.86 2.09 1.00
N GLY B 230 -42.15 2.82 0.17
CA GLY B 230 -42.26 4.27 -0.01
C GLY B 230 -41.58 5.07 1.09
N THR B 231 -40.64 4.47 1.80
CA THR B 231 -39.97 5.09 2.97
C THR B 231 -38.79 5.94 2.51
N SER B 232 -38.68 7.15 3.08
CA SER B 232 -37.61 8.03 2.79
C SER B 232 -36.56 7.98 3.92
N ALA B 233 -35.42 8.56 3.63
CA ALA B 233 -34.38 8.71 4.66
C ALA B 233 -34.97 9.54 5.81
N LEU B 234 -35.67 10.60 5.47
CA LEU B 234 -36.24 11.48 6.51
C LEU B 234 -37.23 10.68 7.35
N ALA B 235 -38.06 9.87 6.75
CA ALA B 235 -39.03 9.10 7.55
C ALA B 235 -38.30 8.12 8.47
N ILE B 236 -37.25 7.50 7.98
CA ILE B 236 -36.50 6.54 8.74
C ILE B 236 -35.87 7.22 9.97
N ALA B 237 -35.26 8.37 9.74
CA ALA B 237 -34.68 9.14 10.85
C ALA B 237 -35.72 9.46 11.93
N LEU B 238 -36.89 9.97 11.52
CA LEU B 238 -37.95 10.26 12.49
C LEU B 238 -38.41 8.99 13.23
N GLU B 239 -38.68 7.91 12.50
CA GLU B 239 -39.03 6.63 13.11
C GLU B 239 -37.95 6.19 14.12
N ALA B 240 -36.68 6.37 13.78
CA ALA B 240 -35.58 5.97 14.67
C ALA B 240 -35.37 6.98 15.80
N GLU B 241 -36.14 8.07 15.81
CA GLU B 241 -36.00 9.14 16.82
C GLU B 241 -34.64 9.83 16.71
N GLN B 242 -34.09 9.95 15.50
CA GLN B 242 -32.83 10.65 15.24
C GLN B 242 -33.19 12.06 14.79
N ASP B 243 -33.52 12.91 15.73
CA ASP B 243 -34.10 14.19 15.43
C ASP B 243 -33.12 15.10 14.72
N GLU B 244 -31.86 15.06 15.14
CA GLU B 244 -30.90 15.94 14.55
C GLU B 244 -30.62 15.49 13.10
N VAL B 245 -30.58 14.21 12.90
CA VAL B 245 -30.39 13.72 11.50
C VAL B 245 -31.62 14.16 10.69
N ALA B 246 -32.80 14.00 11.24
CA ALA B 246 -34.04 14.37 10.51
C ALA B 246 -33.98 15.84 10.07
N ALA B 247 -33.57 16.74 10.94
CA ALA B 247 -33.52 18.19 10.63
C ALA B 247 -32.53 18.43 9.50
N LEU B 248 -31.42 17.71 9.50
CA LEU B 248 -30.41 17.86 8.44
C LEU B 248 -31.01 17.48 7.08
N LEU B 249 -31.78 16.41 7.02
CA LEU B 249 -32.39 15.97 5.75
C LEU B 249 -33.44 17.00 5.32
N HIS B 250 -34.32 17.35 6.21
N HIS B 250 -34.34 17.38 6.21
CA HIS B 250 -35.36 18.37 5.93
CA HIS B 250 -35.38 18.39 5.88
C HIS B 250 -34.73 19.57 5.20
C HIS B 250 -34.73 19.58 5.17
N ALA B 251 -33.78 20.16 5.91
CA ALA B 251 -33.01 21.36 5.50
C ALA B 251 -32.27 21.19 4.16
N HIS B 252 -31.86 20.00 3.76
CA HIS B 252 -31.22 19.82 2.43
C HIS B 252 -32.28 19.84 1.35
C1 GOL C . 22.07 18.79 -6.40
O1 GOL C . 21.41 18.92 -5.15
C2 GOL C . 22.10 17.43 -7.06
O2 GOL C . 21.08 16.48 -6.61
C3 GOL C . 22.27 17.60 -8.59
O3 GOL C . 21.51 16.71 -9.44
C FMT D . 13.09 24.69 4.32
O1 FMT D . 13.05 24.20 3.19
O2 FMT D . 14.23 24.59 5.04
C1 GOL E . -12.34 -22.26 7.91
O1 GOL E . -13.24 -22.09 8.99
C2 GOL E . -12.59 -23.50 7.10
O2 GOL E . -13.65 -24.27 7.58
C3 GOL E . -12.63 -23.34 5.59
O3 GOL E . -13.36 -24.37 4.96
C1 GOL F . -3.45 -15.21 -15.03
O1 GOL F . -2.73 -14.08 -14.51
C2 GOL F . -3.36 -16.46 -14.12
O2 GOL F . -3.53 -17.64 -14.94
C3 GOL F . -2.02 -16.49 -13.38
O3 GOL F . -1.85 -17.55 -12.39
C1 GOL G . -11.57 -22.60 -8.62
O1 GOL G . -10.65 -21.62 -8.11
C2 GOL G . -12.99 -22.04 -8.86
O2 GOL G . -13.95 -23.08 -9.06
C3 GOL G . -13.44 -21.24 -7.64
O3 GOL G . -14.85 -20.92 -7.65
C1 GOL H . -31.53 0.88 7.75
O1 GOL H . -30.74 -0.26 8.15
C2 GOL H . -31.99 0.75 6.31
O2 GOL H . -31.96 -0.64 5.96
C3 GOL H . -33.39 1.34 6.18
O3 GOL H . -34.23 0.56 5.31
#